data_1FW8
#
_entry.id   1FW8
#
_cell.length_a   85.74
_cell.length_b   104.77
_cell.length_c   44.34
_cell.angle_alpha   90.00
_cell.angle_beta   90.00
_cell.angle_gamma   90.00
#
_symmetry.space_group_name_H-M   'P 21 21 2'
#
loop_
_entity.id
_entity.type
_entity.pdbx_description
1 polymer 'Phosphoglycerate kinase'
2 non-polymer GLYCEROL
3 water water
#
_entity_poly.entity_id   1
_entity_poly.type   'polypeptide(L)'
_entity_poly.pdbx_seq_one_letter_code
;(ACE)SKYSLAPVAKELQSLLGKDVTFLNDCVGPEVEAAVKASAPGSVILLENLRYHIEEEGSRKVDGQKVKASKEDVQK
FRHELSSLADVYINDAFGTAHRAHSSMVGFDLPQRAAGFLLEKELKYFGKALENPTRPFLAILGGAKVADKIQLIDNLLD
KVDSIIIGGGMAFTFKKVLENTEIGDSIFDKAGAEIVPKLMEKAKAKGVEVVLPVDFIIADAFSADANTKTVTDKEGIPA
GWQGLDNGPESRKLFAATVAKAKTIVWNGPPGVFEFEKFAAGTKALLDEVVKSSAAGNTVIIGGGDTATVAKKYGVTDKI
SHVSTGGGASLELLEGKELPGVAFLSEKKSLSSKLSVQDLDLKDKRVFIRVDFNVPLDGKKITSNQRIVAALPTIKYVLE
HHPRYVVLASHLGRPNGERN
;
_entity_poly.pdbx_strand_id   A
#
# COMPACT_ATOMS: atom_id res chain seq x y z
N SER A 2 3.27 -16.38 22.43
CA SER A 2 4.10 -16.31 21.18
C SER A 2 4.06 -14.92 20.46
N LYS A 3 5.18 -14.48 19.96
CA LYS A 3 5.40 -13.20 19.34
C LYS A 3 4.48 -12.70 18.26
N TYR A 4 4.18 -13.52 17.27
CA TYR A 4 3.28 -13.05 16.19
C TYR A 4 1.87 -13.57 16.28
N SER A 5 1.47 -13.90 17.50
CA SER A 5 0.13 -14.40 17.72
C SER A 5 -0.91 -13.29 17.60
N LEU A 6 -2.02 -13.64 16.96
CA LEU A 6 -3.16 -12.74 16.76
C LEU A 6 -4.07 -12.75 18.00
N ALA A 7 -3.59 -13.32 19.10
CA ALA A 7 -4.36 -13.42 20.34
C ALA A 7 -4.84 -12.08 20.92
N PRO A 8 -3.95 -11.05 20.96
CA PRO A 8 -4.35 -9.74 21.49
C PRO A 8 -5.39 -9.07 20.61
N VAL A 9 -5.30 -9.32 19.31
CA VAL A 9 -6.24 -8.75 18.37
C VAL A 9 -7.64 -9.28 18.63
N ALA A 10 -7.76 -10.58 18.84
CA ALA A 10 -9.07 -11.15 19.13
C ALA A 10 -9.62 -10.47 20.38
N LYS A 11 -8.74 -10.14 21.33
CA LYS A 11 -9.13 -9.48 22.57
C LYS A 11 -9.65 -8.06 22.31
N GLU A 12 -8.90 -7.31 21.50
CA GLU A 12 -9.24 -5.92 21.16
C GLU A 12 -10.48 -5.80 20.31
N LEU A 13 -10.57 -6.67 19.32
CA LEU A 13 -11.69 -6.73 18.40
C LEU A 13 -12.99 -7.02 19.15
N GLN A 14 -12.90 -7.77 20.23
CA GLN A 14 -14.08 -8.11 21.02
C GLN A 14 -14.69 -6.86 21.66
N SER A 15 -13.84 -5.96 22.14
CA SER A 15 -14.31 -4.72 22.76
C SER A 15 -14.73 -3.79 21.65
N LEU A 16 -13.88 -3.68 20.64
CA LEU A 16 -14.14 -2.81 19.49
C LEU A 16 -15.44 -3.19 18.78
N LEU A 17 -15.84 -4.44 18.96
CA LEU A 17 -17.03 -4.96 18.34
C LEU A 17 -18.16 -5.01 19.33
N GLY A 18 -17.84 -5.23 20.61
CA GLY A 18 -18.84 -5.32 21.64
C GLY A 18 -19.55 -6.67 21.50
N LYS A 19 -18.89 -7.58 20.80
CA LYS A 19 -19.41 -8.92 20.53
C LYS A 19 -18.28 -9.92 20.84
N ASP A 20 -18.62 -11.02 21.50
CA ASP A 20 -17.62 -12.01 21.85
C ASP A 20 -16.94 -12.57 20.62
N VAL A 21 -15.61 -12.70 20.68
CA VAL A 21 -14.76 -13.21 19.60
C VAL A 21 -14.04 -14.51 20.04
N THR A 22 -14.35 -15.63 19.37
CA THR A 22 -13.70 -16.90 19.65
C THR A 22 -12.36 -16.90 18.95
N PHE A 23 -11.25 -16.98 19.69
CA PHE A 23 -9.93 -17.02 19.04
C PHE A 23 -9.42 -18.45 18.94
N LEU A 24 -9.03 -18.82 17.72
CA LEU A 24 -8.51 -20.15 17.46
C LEU A 24 -6.99 -20.14 17.30
N ASN A 25 -6.37 -21.20 17.79
CA ASN A 25 -4.93 -21.35 17.77
C ASN A 25 -4.33 -21.80 16.45
N ASP A 26 -5.15 -21.86 15.42
CA ASP A 26 -4.65 -22.23 14.11
C ASP A 26 -5.65 -21.69 13.11
N CYS A 27 -5.37 -21.87 11.84
CA CYS A 27 -6.28 -21.42 10.80
C CYS A 27 -6.79 -22.59 9.99
N VAL A 28 -6.09 -23.71 10.09
CA VAL A 28 -6.46 -24.91 9.35
C VAL A 28 -6.29 -26.14 10.24
N GLY A 29 -7.07 -27.17 9.93
CA GLY A 29 -7.00 -28.39 10.69
C GLY A 29 -8.28 -28.81 11.36
N PRO A 30 -8.45 -30.11 11.63
CA PRO A 30 -9.63 -30.72 12.28
C PRO A 30 -10.15 -29.94 13.50
N GLU A 31 -9.23 -29.45 14.31
CA GLU A 31 -9.58 -28.70 15.50
C GLU A 31 -10.20 -27.36 15.16
N VAL A 32 -9.70 -26.72 14.11
CA VAL A 32 -10.25 -25.45 13.66
C VAL A 32 -11.59 -25.78 13.03
N GLU A 33 -11.63 -26.85 12.26
CA GLU A 33 -12.88 -27.27 11.63
C GLU A 33 -13.92 -27.68 12.69
N ALA A 34 -13.47 -28.25 13.80
CA ALA A 34 -14.40 -28.66 14.85
C ALA A 34 -14.89 -27.46 15.66
N ALA A 35 -13.98 -26.58 16.05
CA ALA A 35 -14.32 -25.40 16.85
C ALA A 35 -15.34 -24.53 16.10
N VAL A 36 -15.07 -24.29 14.83
CA VAL A 36 -15.93 -23.48 13.96
C VAL A 36 -17.33 -24.10 13.82
N LYS A 37 -17.39 -25.40 13.60
CA LYS A 37 -18.67 -26.07 13.48
C LYS A 37 -19.40 -26.01 14.83
N ALA A 38 -18.64 -25.92 15.92
CA ALA A 38 -19.22 -25.88 17.24
C ALA A 38 -19.56 -24.49 17.71
N SER A 39 -19.40 -23.48 16.86
CA SER A 39 -19.72 -22.09 17.26
C SER A 39 -21.23 -21.79 17.31
N ALA A 40 -21.62 -20.88 18.20
CA ALA A 40 -23.02 -20.54 18.32
C ALA A 40 -23.38 -19.81 17.03
N PRO A 41 -24.67 -19.83 16.64
CA PRO A 41 -25.02 -19.16 15.39
C PRO A 41 -24.68 -17.68 15.46
N GLY A 42 -24.14 -17.16 14.36
CA GLY A 42 -23.77 -15.76 14.27
C GLY A 42 -22.55 -15.37 15.04
N SER A 43 -21.72 -16.35 15.39
CA SER A 43 -20.50 -16.06 16.14
C SER A 43 -19.43 -15.36 15.31
N VAL A 44 -18.54 -14.63 15.97
CA VAL A 44 -17.39 -14.02 15.30
C VAL A 44 -16.16 -14.87 15.72
N ILE A 45 -15.40 -15.39 14.76
CA ILE A 45 -14.23 -16.22 15.10
C ILE A 45 -12.96 -15.69 14.45
N LEU A 46 -11.89 -15.53 15.22
CA LEU A 46 -10.62 -15.09 14.64
C LEU A 46 -9.59 -16.23 14.68
N LEU A 47 -9.12 -16.63 13.51
CA LEU A 47 -8.12 -17.68 13.37
C LEU A 47 -6.72 -17.17 13.75
N GLU A 48 -5.78 -18.09 13.89
CA GLU A 48 -4.42 -17.71 14.20
C GLU A 48 -3.67 -17.29 12.93
N ASN A 49 -2.68 -16.42 13.09
CA ASN A 49 -1.83 -15.91 12.03
C ASN A 49 -1.64 -16.88 10.85
N LEU A 50 -2.23 -16.54 9.71
CA LEU A 50 -2.10 -17.34 8.51
C LEU A 50 -0.65 -17.66 8.16
N ARG A 51 0.23 -16.68 8.34
CA ARG A 51 1.63 -16.90 8.02
C ARG A 51 2.46 -17.75 8.99
N TYR A 52 1.77 -18.50 9.84
CA TYR A 52 2.40 -19.44 10.75
C TYR A 52 2.62 -20.66 9.86
N HIS A 53 1.97 -20.63 8.68
CA HIS A 53 2.03 -21.68 7.67
C HIS A 53 2.72 -21.25 6.40
N ILE A 54 3.73 -21.99 5.99
CA ILE A 54 4.53 -21.73 4.80
C ILE A 54 3.74 -21.65 3.51
N GLU A 55 2.62 -22.34 3.44
CA GLU A 55 1.85 -22.32 2.22
C GLU A 55 0.90 -21.14 2.01
N GLU A 56 0.90 -20.19 2.94
CA GLU A 56 0.10 -18.98 2.80
C GLU A 56 0.81 -18.17 1.73
N GLU A 57 2.06 -17.84 2.01
CA GLU A 57 2.93 -17.12 1.10
C GLU A 57 3.43 -18.07 0.03
N GLY A 58 3.63 -19.33 0.43
CA GLY A 58 4.09 -20.35 -0.50
C GLY A 58 5.54 -20.72 -0.24
N SER A 59 6.25 -19.95 0.55
CA SER A 59 7.63 -20.27 0.82
C SER A 59 8.07 -19.57 2.08
N ARG A 60 9.27 -19.87 2.52
CA ARG A 60 9.86 -19.22 3.68
C ARG A 60 11.33 -19.33 3.44
N LYS A 61 12.13 -18.72 4.31
CA LYS A 61 13.57 -18.78 4.17
C LYS A 61 14.19 -19.42 5.41
N VAL A 62 14.94 -20.48 5.20
CA VAL A 62 15.60 -21.14 6.31
C VAL A 62 17.07 -20.83 6.12
N ASP A 63 17.57 -19.97 6.99
CA ASP A 63 18.95 -19.46 6.98
C ASP A 63 19.39 -18.84 5.65
N GLY A 64 18.53 -17.97 5.11
CA GLY A 64 18.85 -17.33 3.85
C GLY A 64 18.71 -18.29 2.70
N GLN A 65 18.15 -19.45 2.99
CA GLN A 65 17.95 -20.49 1.99
C GLN A 65 16.46 -20.59 1.78
N LYS A 66 16.00 -20.24 0.59
CA LYS A 66 14.58 -20.30 0.28
C LYS A 66 14.10 -21.77 0.29
N VAL A 67 12.92 -21.95 0.87
CA VAL A 67 12.30 -23.24 0.99
C VAL A 67 10.86 -23.02 0.52
N LYS A 68 10.58 -23.47 -0.70
CA LYS A 68 9.28 -23.32 -1.31
C LYS A 68 8.46 -24.58 -1.17
N ALA A 69 7.20 -24.40 -0.77
CA ALA A 69 6.26 -25.51 -0.57
C ALA A 69 5.80 -26.02 -1.92
N SER A 70 5.41 -27.30 -1.99
CA SER A 70 4.94 -27.85 -3.26
C SER A 70 3.54 -27.30 -3.51
N LYS A 71 3.10 -27.34 -4.77
CA LYS A 71 1.77 -26.84 -5.13
C LYS A 71 0.70 -27.66 -4.43
N GLU A 72 0.92 -28.96 -4.30
CA GLU A 72 -0.06 -29.82 -3.68
C GLU A 72 -0.28 -29.54 -2.20
N ASP A 73 0.80 -29.41 -1.42
CA ASP A 73 0.64 -29.08 0.00
C ASP A 73 -0.12 -27.74 0.07
N VAL A 74 0.26 -26.80 -0.79
CA VAL A 74 -0.38 -25.47 -0.86
C VAL A 74 -1.86 -25.59 -1.21
N GLN A 75 -2.16 -26.41 -2.20
CA GLN A 75 -3.53 -26.61 -2.60
C GLN A 75 -4.30 -27.21 -1.45
N LYS A 76 -3.61 -27.97 -0.60
CA LYS A 76 -4.21 -28.60 0.57
C LYS A 76 -4.67 -27.53 1.57
N PHE A 77 -3.74 -26.63 1.89
CA PHE A 77 -3.95 -25.52 2.82
C PHE A 77 -5.14 -24.72 2.35
N ARG A 78 -5.11 -24.38 1.06
CA ARG A 78 -6.18 -23.61 0.45
C ARG A 78 -7.50 -24.35 0.61
N HIS A 79 -7.50 -25.66 0.38
CA HIS A 79 -8.72 -26.45 0.50
C HIS A 79 -9.26 -26.43 1.91
N GLU A 80 -8.35 -26.40 2.86
CA GLU A 80 -8.70 -26.39 4.27
C GLU A 80 -9.27 -25.03 4.67
N LEU A 81 -8.67 -23.98 4.13
CA LEU A 81 -9.10 -22.63 4.38
C LEU A 81 -10.51 -22.52 3.84
N SER A 82 -10.64 -23.02 2.62
CA SER A 82 -11.87 -23.00 1.88
C SER A 82 -13.01 -23.73 2.59
N SER A 83 -12.70 -24.87 3.20
CA SER A 83 -13.71 -25.67 3.90
C SER A 83 -14.44 -24.98 5.04
N LEU A 84 -13.89 -23.86 5.51
CA LEU A 84 -14.48 -23.08 6.58
C LEU A 84 -15.49 -22.05 6.11
N ALA A 85 -15.70 -21.92 4.80
CA ALA A 85 -16.59 -20.89 4.32
C ALA A 85 -17.53 -21.24 3.20
N ASP A 86 -18.66 -20.53 3.17
CA ASP A 86 -19.68 -20.62 2.11
C ASP A 86 -19.48 -19.36 1.24
N VAL A 87 -19.10 -18.25 1.90
CA VAL A 87 -18.87 -16.93 1.27
C VAL A 87 -17.46 -16.47 1.58
N TYR A 88 -16.76 -15.88 0.61
CA TYR A 88 -15.42 -15.37 0.86
C TYR A 88 -15.34 -13.88 0.57
N ILE A 89 -14.95 -13.10 1.57
CA ILE A 89 -14.81 -11.67 1.41
C ILE A 89 -13.37 -11.27 1.66
N ASN A 90 -12.84 -10.48 0.74
CA ASN A 90 -11.47 -10.05 0.89
C ASN A 90 -11.55 -8.59 1.27
N ASP A 91 -10.99 -8.28 2.43
CA ASP A 91 -10.97 -6.92 2.88
C ASP A 91 -9.55 -6.56 3.25
N ALA A 92 -8.58 -7.20 2.59
CA ALA A 92 -7.15 -6.98 2.86
C ALA A 92 -6.47 -6.43 1.62
N PHE A 93 -6.60 -5.12 1.41
CA PHE A 93 -5.99 -4.44 0.27
C PHE A 93 -4.46 -4.57 0.26
N GLY A 94 -3.81 -4.28 1.38
CA GLY A 94 -2.37 -4.42 1.45
C GLY A 94 -1.74 -5.76 1.00
N THR A 95 -2.51 -6.84 0.90
CA THR A 95 -1.98 -8.15 0.46
C THR A 95 -2.52 -8.57 -0.90
N ALA A 96 -3.47 -7.81 -1.43
CA ALA A 96 -4.10 -8.12 -2.71
C ALA A 96 -3.15 -8.24 -3.90
N HIS A 97 -1.96 -7.66 -3.80
CA HIS A 97 -1.02 -7.77 -4.92
C HIS A 97 -0.21 -9.06 -4.86
N ARG A 98 -0.45 -9.83 -3.80
CA ARG A 98 0.22 -11.10 -3.55
C ARG A 98 -0.70 -12.28 -3.91
N ALA A 99 -0.16 -13.26 -4.61
CA ALA A 99 -0.92 -14.45 -4.99
C ALA A 99 -0.85 -15.47 -3.85
N HIS A 100 -1.14 -15.01 -2.64
CA HIS A 100 -1.12 -15.82 -1.43
C HIS A 100 -2.42 -16.62 -1.25
N SER A 101 -2.34 -17.72 -0.49
CA SER A 101 -3.51 -18.59 -0.27
C SER A 101 -4.78 -17.88 0.18
N SER A 102 -4.64 -17.00 1.18
CA SER A 102 -5.79 -16.28 1.69
C SER A 102 -6.35 -15.28 0.67
N MET A 103 -5.59 -15.02 -0.39
CA MET A 103 -6.00 -14.10 -1.44
C MET A 103 -6.62 -14.79 -2.66
N VAL A 104 -5.97 -15.84 -3.15
CA VAL A 104 -6.43 -16.51 -4.37
C VAL A 104 -6.81 -18.00 -4.22
N GLY A 105 -7.05 -18.45 -2.99
CA GLY A 105 -7.33 -19.88 -2.78
C GLY A 105 -8.71 -20.40 -2.47
N PHE A 106 -9.70 -19.53 -2.49
CA PHE A 106 -11.04 -19.98 -2.21
C PHE A 106 -11.71 -20.31 -3.53
N ASP A 107 -11.92 -21.59 -3.76
CA ASP A 107 -12.53 -22.03 -4.99
C ASP A 107 -14.03 -22.03 -4.86
N LEU A 108 -14.60 -20.85 -4.75
CA LEU A 108 -16.03 -20.73 -4.63
C LEU A 108 -16.47 -19.44 -5.32
N PRO A 109 -17.64 -19.47 -5.99
CA PRO A 109 -18.14 -18.28 -6.68
C PRO A 109 -18.62 -17.13 -5.75
N GLN A 110 -19.01 -17.42 -4.51
CA GLN A 110 -19.43 -16.36 -3.60
C GLN A 110 -18.21 -15.67 -3.04
N ARG A 111 -17.58 -14.86 -3.91
CA ARG A 111 -16.38 -14.08 -3.60
C ARG A 111 -16.70 -12.62 -3.82
N ALA A 112 -16.29 -11.77 -2.89
CA ALA A 112 -16.57 -10.36 -3.01
C ALA A 112 -15.57 -9.54 -2.26
N ALA A 113 -15.57 -8.25 -2.55
CA ALA A 113 -14.66 -7.33 -1.92
C ALA A 113 -15.39 -6.72 -0.78
N GLY A 114 -14.65 -6.38 0.27
CA GLY A 114 -15.22 -5.73 1.42
C GLY A 114 -15.12 -4.22 1.23
N PHE A 115 -15.89 -3.47 2.03
CA PHE A 115 -15.92 -2.02 1.97
C PHE A 115 -14.58 -1.30 1.90
N LEU A 116 -13.64 -1.74 2.71
CA LEU A 116 -12.32 -1.13 2.71
C LEU A 116 -11.56 -1.39 1.41
N LEU A 117 -11.58 -2.63 0.92
CA LEU A 117 -10.86 -2.93 -0.32
C LEU A 117 -11.55 -2.15 -1.44
N GLU A 118 -12.85 -2.03 -1.31
CA GLU A 118 -13.68 -1.35 -2.29
C GLU A 118 -13.25 0.10 -2.39
N LYS A 119 -13.06 0.74 -1.23
CA LYS A 119 -12.66 2.13 -1.15
C LYS A 119 -11.36 2.39 -1.86
N GLU A 120 -10.41 1.50 -1.60
CA GLU A 120 -9.10 1.61 -2.18
C GLU A 120 -9.15 1.62 -3.69
N LEU A 121 -9.84 0.62 -4.23
CA LEU A 121 -10.00 0.44 -5.67
C LEU A 121 -10.71 1.62 -6.29
N LYS A 122 -11.77 2.07 -5.61
CA LYS A 122 -12.58 3.22 -6.00
C LYS A 122 -11.70 4.49 -6.13
N TYR A 123 -11.11 4.92 -5.02
CA TYR A 123 -10.24 6.10 -5.04
C TYR A 123 -9.22 6.07 -6.18
N PHE A 124 -8.41 5.01 -6.22
CA PHE A 124 -7.40 4.88 -7.26
C PHE A 124 -8.03 4.67 -8.63
N GLY A 125 -9.27 4.21 -8.65
CA GLY A 125 -9.95 3.97 -9.91
C GLY A 125 -10.41 5.26 -10.56
N LYS A 126 -11.11 6.12 -9.82
CA LYS A 126 -11.58 7.38 -10.35
C LYS A 126 -10.40 8.28 -10.77
N ALA A 127 -9.41 8.41 -9.87
CA ALA A 127 -8.22 9.21 -10.11
C ALA A 127 -7.59 8.86 -11.43
N LEU A 128 -7.21 7.60 -11.59
CA LEU A 128 -6.58 7.15 -12.82
C LEU A 128 -7.53 7.16 -14.02
N GLU A 129 -8.77 6.77 -13.79
CA GLU A 129 -9.76 6.71 -14.86
C GLU A 129 -10.46 8.02 -15.25
N ASN A 130 -11.12 8.66 -14.29
CA ASN A 130 -11.85 9.89 -14.59
C ASN A 130 -11.71 10.95 -13.52
N PRO A 131 -10.57 11.65 -13.49
CA PRO A 131 -10.33 12.69 -12.49
C PRO A 131 -10.69 14.11 -12.90
N THR A 132 -10.82 14.94 -11.88
CA THR A 132 -11.07 16.36 -12.03
C THR A 132 -9.67 16.84 -12.39
N ARG A 133 -9.56 17.66 -13.43
CA ARG A 133 -8.26 18.13 -13.87
C ARG A 133 -7.94 19.57 -13.50
N PRO A 134 -6.64 19.91 -13.39
CA PRO A 134 -5.43 19.09 -13.56
C PRO A 134 -5.26 17.88 -12.59
N PHE A 135 -4.80 16.77 -13.15
CA PHE A 135 -4.52 15.57 -12.40
C PHE A 135 -2.98 15.61 -12.27
N LEU A 136 -2.51 15.69 -11.03
CA LEU A 136 -1.08 15.75 -10.75
C LEU A 136 -0.63 14.47 -10.05
N ALA A 137 0.48 13.90 -10.50
CA ALA A 137 1.00 12.73 -9.83
C ALA A 137 2.39 13.09 -9.33
N ILE A 138 2.61 12.95 -8.03
CA ILE A 138 3.91 13.22 -7.42
C ILE A 138 4.61 11.87 -7.12
N LEU A 139 5.78 11.63 -7.72
CA LEU A 139 6.53 10.39 -7.50
C LEU A 139 7.86 10.75 -6.88
N GLY A 140 8.41 9.82 -6.13
CA GLY A 140 9.71 10.05 -5.49
C GLY A 140 10.29 8.70 -5.11
N GLY A 141 11.60 8.55 -5.21
CA GLY A 141 12.22 7.30 -4.88
C GLY A 141 13.67 7.33 -5.26
N ALA A 142 14.39 6.25 -4.98
CA ALA A 142 15.81 6.15 -5.28
C ALA A 142 16.03 5.68 -6.68
N LYS A 143 15.25 4.70 -7.10
CA LYS A 143 15.40 4.14 -8.42
C LYS A 143 14.30 4.46 -9.43
N VAL A 144 14.72 4.78 -10.64
CA VAL A 144 13.82 5.07 -11.75
C VAL A 144 13.57 3.76 -12.51
N ALA A 145 14.60 2.93 -12.66
CA ALA A 145 14.51 1.66 -13.37
C ALA A 145 13.31 0.87 -12.88
N ASP A 146 12.98 1.09 -11.60
CA ASP A 146 11.86 0.46 -10.93
C ASP A 146 10.51 0.99 -11.37
N LYS A 147 10.42 2.32 -11.41
CA LYS A 147 9.19 3.06 -11.72
C LYS A 147 8.83 3.19 -13.19
N ILE A 148 9.58 2.55 -14.08
CA ILE A 148 9.32 2.60 -15.52
C ILE A 148 7.84 2.38 -15.90
N GLN A 149 7.27 1.27 -15.45
CA GLN A 149 5.88 0.95 -15.78
C GLN A 149 4.86 1.80 -15.01
N LEU A 150 5.33 2.41 -13.92
CA LEU A 150 4.52 3.27 -13.10
C LEU A 150 4.41 4.62 -13.85
N ILE A 151 5.57 5.21 -14.16
CA ILE A 151 5.69 6.48 -14.87
C ILE A 151 4.98 6.38 -16.22
N ASP A 152 5.29 5.32 -16.96
CA ASP A 152 4.71 5.11 -18.26
C ASP A 152 3.17 5.00 -18.26
N ASN A 153 2.61 4.42 -17.22
CA ASN A 153 1.17 4.28 -17.12
C ASN A 153 0.56 5.61 -16.73
N LEU A 154 1.26 6.33 -15.88
CA LEU A 154 0.78 7.62 -15.44
C LEU A 154 0.76 8.68 -16.56
N LEU A 155 1.69 8.63 -17.50
CA LEU A 155 1.73 9.60 -18.60
C LEU A 155 0.49 9.54 -19.49
N ASP A 156 -0.16 8.39 -19.52
CA ASP A 156 -1.40 8.19 -20.28
C ASP A 156 -2.56 8.85 -19.55
N LYS A 157 -2.34 9.36 -18.34
CA LYS A 157 -3.46 9.96 -17.62
C LYS A 157 -3.28 11.26 -16.86
N VAL A 158 -2.07 11.57 -16.43
CA VAL A 158 -1.85 12.79 -15.66
C VAL A 158 -1.67 14.00 -16.58
N ASP A 159 -1.77 15.21 -16.00
CA ASP A 159 -1.55 16.44 -16.73
C ASP A 159 -0.17 16.95 -16.36
N SER A 160 0.21 16.70 -15.12
CA SER A 160 1.48 17.12 -14.63
C SER A 160 2.11 16.00 -13.83
N ILE A 161 3.43 15.95 -13.77
CA ILE A 161 4.05 14.92 -12.98
C ILE A 161 5.28 15.46 -12.32
N ILE A 162 5.34 15.34 -10.99
CA ILE A 162 6.51 15.78 -10.24
C ILE A 162 7.36 14.53 -9.98
N ILE A 163 8.62 14.59 -10.39
CA ILE A 163 9.55 13.50 -10.16
C ILE A 163 10.59 14.05 -9.18
N GLY A 164 10.53 13.57 -7.94
CA GLY A 164 11.45 14.02 -6.90
C GLY A 164 12.27 12.87 -6.32
N GLY A 165 13.02 13.17 -5.29
CA GLY A 165 13.81 12.13 -4.66
C GLY A 165 15.04 11.74 -5.46
N GLY A 166 15.67 10.63 -5.08
CA GLY A 166 16.88 10.17 -5.73
C GLY A 166 16.74 9.83 -7.18
N MET A 167 15.53 9.48 -7.60
CA MET A 167 15.31 9.12 -8.98
C MET A 167 15.46 10.35 -9.91
N ALA A 168 15.21 11.53 -9.36
CA ALA A 168 15.29 12.79 -10.09
C ALA A 168 16.63 12.99 -10.75
N PHE A 169 17.69 12.68 -10.03
CA PHE A 169 19.03 12.83 -10.53
C PHE A 169 19.37 12.20 -11.87
N THR A 170 18.79 11.06 -12.17
CA THR A 170 19.05 10.39 -13.44
C THR A 170 18.38 11.22 -14.50
N PHE A 171 17.16 11.67 -14.20
CA PHE A 171 16.37 12.51 -15.11
C PHE A 171 17.16 13.80 -15.36
N LYS A 172 17.70 14.37 -14.29
CA LYS A 172 18.45 15.60 -14.39
C LYS A 172 19.81 15.49 -15.09
N LYS A 173 20.49 14.36 -14.92
CA LYS A 173 21.79 14.19 -15.56
C LYS A 173 21.67 13.84 -17.03
N VAL A 174 20.64 13.08 -17.36
CA VAL A 174 20.39 12.68 -18.74
C VAL A 174 19.80 13.80 -19.59
N LEU A 175 18.86 14.55 -19.02
CA LEU A 175 18.18 15.63 -19.73
C LEU A 175 18.85 16.99 -19.71
N GLU A 176 19.24 17.46 -18.53
CA GLU A 176 19.88 18.77 -18.43
C GLU A 176 21.33 18.66 -18.07
N ASN A 177 21.92 17.47 -18.24
CA ASN A 177 23.32 17.23 -17.92
C ASN A 177 23.77 17.97 -16.66
N THR A 178 23.00 17.77 -15.59
CA THR A 178 23.28 18.39 -14.29
C THR A 178 24.50 17.74 -13.65
N GLU A 179 25.26 18.52 -12.90
CA GLU A 179 26.43 18.00 -12.20
C GLU A 179 25.90 17.35 -10.94
N ILE A 180 25.66 16.05 -10.99
CA ILE A 180 25.21 15.38 -9.78
C ILE A 180 26.55 14.96 -9.17
N GLY A 181 26.66 14.86 -7.85
CA GLY A 181 27.94 14.48 -7.28
C GLY A 181 28.04 12.98 -7.25
N ASP A 182 27.93 12.44 -6.05
CA ASP A 182 27.96 11.00 -5.82
C ASP A 182 26.51 10.58 -5.65
N SER A 183 25.61 11.35 -6.24
CA SER A 183 24.20 11.08 -6.15
C SER A 183 23.87 9.87 -6.96
N ILE A 184 22.93 9.11 -6.42
CA ILE A 184 22.39 7.90 -7.02
C ILE A 184 22.16 8.10 -8.50
N PHE A 185 22.92 7.41 -9.35
CA PHE A 185 22.68 7.50 -10.78
C PHE A 185 22.25 6.13 -11.26
N ASP A 186 21.20 6.09 -12.06
CA ASP A 186 20.67 4.84 -12.56
C ASP A 186 21.05 4.65 -14.02
N LYS A 187 22.15 3.93 -14.24
CA LYS A 187 22.64 3.67 -15.60
C LYS A 187 21.61 2.96 -16.49
N ALA A 188 20.79 2.12 -15.89
CA ALA A 188 19.74 1.39 -16.60
C ALA A 188 18.60 2.36 -16.96
N GLY A 189 18.10 3.09 -15.97
CA GLY A 189 17.03 4.03 -16.22
C GLY A 189 17.45 5.15 -17.19
N ALA A 190 18.69 5.60 -17.11
CA ALA A 190 19.17 6.65 -18.00
C ALA A 190 18.80 6.35 -19.45
N GLU A 191 18.86 5.08 -19.82
CA GLU A 191 18.53 4.64 -21.17
C GLU A 191 17.08 4.92 -21.56
N ILE A 192 16.17 4.73 -20.61
CA ILE A 192 14.74 4.92 -20.85
C ILE A 192 14.18 6.34 -20.64
N VAL A 193 14.89 7.19 -19.89
CA VAL A 193 14.39 8.55 -19.65
C VAL A 193 13.96 9.28 -20.94
N PRO A 194 14.75 9.20 -22.02
CA PRO A 194 14.37 9.88 -23.26
C PRO A 194 13.04 9.38 -23.83
N LYS A 195 12.85 8.06 -23.80
CA LYS A 195 11.63 7.44 -24.29
C LYS A 195 10.43 7.97 -23.54
N LEU A 196 10.58 8.04 -22.22
CA LEU A 196 9.52 8.53 -21.34
C LEU A 196 9.24 10.04 -21.50
N MET A 197 10.29 10.83 -21.74
CA MET A 197 10.13 12.25 -21.91
C MET A 197 9.43 12.53 -23.24
N GLU A 198 9.78 11.76 -24.26
CA GLU A 198 9.17 11.91 -25.56
C GLU A 198 7.68 11.59 -25.49
N LYS A 199 7.32 10.70 -24.57
CA LYS A 199 5.91 10.33 -24.38
C LYS A 199 5.15 11.43 -23.66
N ALA A 200 5.79 12.07 -22.69
CA ALA A 200 5.18 13.14 -21.93
C ALA A 200 4.84 14.33 -22.82
N LYS A 201 5.76 14.67 -23.72
CA LYS A 201 5.58 15.77 -24.66
C LYS A 201 4.41 15.47 -25.59
N ALA A 202 4.41 14.25 -26.14
CA ALA A 202 3.36 13.85 -27.04
C ALA A 202 1.98 13.83 -26.38
N LYS A 203 1.96 13.88 -25.05
CA LYS A 203 0.67 13.86 -24.33
C LYS A 203 0.34 15.15 -23.56
N GLY A 204 1.21 16.14 -23.66
CA GLY A 204 0.95 17.40 -22.99
C GLY A 204 1.14 17.42 -21.49
N VAL A 205 2.04 16.56 -21.01
CA VAL A 205 2.31 16.47 -19.59
C VAL A 205 3.48 17.36 -19.20
N GLU A 206 3.31 18.11 -18.13
CA GLU A 206 4.40 18.94 -17.64
C GLU A 206 5.17 18.04 -16.69
N VAL A 207 6.47 17.87 -16.93
CA VAL A 207 7.30 17.06 -16.07
C VAL A 207 8.07 18.07 -15.21
N VAL A 208 7.84 18.04 -13.89
CA VAL A 208 8.49 18.95 -12.95
C VAL A 208 9.60 18.23 -12.16
N LEU A 209 10.82 18.74 -12.29
CA LEU A 209 11.99 18.18 -11.61
C LEU A 209 12.49 19.21 -10.59
N PRO A 210 13.36 18.78 -9.65
CA PRO A 210 13.90 19.72 -8.65
C PRO A 210 14.96 20.58 -9.37
N VAL A 211 15.21 21.76 -8.84
CA VAL A 211 16.18 22.66 -9.44
C VAL A 211 17.33 22.98 -8.49
N ASP A 212 17.18 22.56 -7.25
CA ASP A 212 18.21 22.78 -6.25
C ASP A 212 18.10 21.64 -5.23
N PHE A 213 19.20 21.34 -4.54
CA PHE A 213 19.20 20.23 -3.61
C PHE A 213 19.96 20.41 -2.30
N ILE A 214 19.47 19.75 -1.24
CA ILE A 214 20.19 19.79 0.04
C ILE A 214 21.14 18.61 -0.16
N ILE A 215 22.43 18.91 -0.16
CA ILE A 215 23.45 17.89 -0.36
C ILE A 215 24.16 17.53 0.94
N ALA A 216 24.57 16.27 1.04
CA ALA A 216 25.26 15.76 2.23
C ALA A 216 26.61 15.18 1.87
N ASP A 217 27.55 15.24 2.80
CA ASP A 217 28.87 14.66 2.52
C ASP A 217 28.94 13.16 2.80
N ALA A 218 27.90 12.62 3.43
CA ALA A 218 27.79 11.20 3.75
C ALA A 218 26.29 10.93 3.88
N PHE A 219 25.82 9.74 3.50
CA PHE A 219 24.40 9.45 3.63
C PHE A 219 24.13 9.04 5.06
N SER A 220 24.02 10.02 5.94
CA SER A 220 23.75 9.79 7.35
C SER A 220 23.04 10.99 7.98
N ALA A 221 22.39 10.75 9.13
CA ALA A 221 21.63 11.77 9.86
C ALA A 221 22.41 12.97 10.37
N ASP A 222 23.73 12.86 10.39
CA ASP A 222 24.55 13.95 10.86
C ASP A 222 25.70 14.30 9.93
N ALA A 223 25.43 14.16 8.63
CA ALA A 223 26.43 14.47 7.63
C ALA A 223 26.44 15.99 7.46
N ASN A 224 27.52 16.52 6.90
CA ASN A 224 27.59 17.96 6.64
C ASN A 224 26.68 18.22 5.47
N THR A 225 25.91 19.28 5.58
CA THR A 225 25.01 19.62 4.50
C THR A 225 25.31 21.01 3.98
N LYS A 226 24.74 21.31 2.82
CA LYS A 226 24.86 22.61 2.18
C LYS A 226 23.89 22.60 1.01
N THR A 227 23.42 23.76 0.61
CA THR A 227 22.46 23.81 -0.47
C THR A 227 23.14 24.24 -1.76
N VAL A 228 22.80 23.58 -2.86
CA VAL A 228 23.34 23.90 -4.17
C VAL A 228 22.21 23.86 -5.17
N THR A 229 22.35 24.62 -6.26
CA THR A 229 21.33 24.63 -7.30
C THR A 229 21.80 23.62 -8.31
N ASP A 230 20.96 23.30 -9.28
CA ASP A 230 21.35 22.36 -10.31
C ASP A 230 22.47 22.97 -11.16
N LYS A 231 22.40 24.29 -11.35
CA LYS A 231 23.39 25.03 -12.13
C LYS A 231 24.77 24.89 -11.49
N GLU A 232 24.82 25.17 -10.18
CA GLU A 232 26.04 25.06 -9.39
C GLU A 232 26.54 23.63 -9.50
N GLY A 233 25.61 22.70 -9.26
CA GLY A 233 25.93 21.29 -9.33
C GLY A 233 26.40 20.71 -8.02
N ILE A 234 26.51 19.39 -8.00
CA ILE A 234 26.93 18.64 -6.82
C ILE A 234 28.40 18.21 -6.95
N PRO A 235 29.21 18.52 -5.92
CA PRO A 235 30.63 18.15 -5.97
C PRO A 235 30.91 16.67 -5.58
N ALA A 236 32.12 16.21 -5.86
CA ALA A 236 32.52 14.85 -5.53
C ALA A 236 32.48 14.74 -4.02
N GLY A 237 31.94 13.64 -3.52
CA GLY A 237 31.86 13.44 -2.08
C GLY A 237 30.52 13.83 -1.52
N TRP A 238 29.64 14.33 -2.35
CA TRP A 238 28.34 14.77 -1.87
C TRP A 238 27.25 14.15 -2.72
N GLN A 239 26.03 14.22 -2.22
CA GLN A 239 24.89 13.70 -2.94
C GLN A 239 23.66 14.44 -2.45
N GLY A 240 22.66 14.57 -3.31
CA GLY A 240 21.44 15.25 -2.92
C GLY A 240 20.60 14.28 -2.10
N LEU A 241 20.05 14.77 -0.98
CA LEU A 241 19.23 13.93 -0.11
C LEU A 241 17.89 14.60 0.20
N ASP A 242 17.70 15.81 -0.32
CA ASP A 242 16.44 16.53 -0.14
C ASP A 242 16.32 17.68 -1.13
N ASN A 243 15.07 18.07 -1.30
CA ASN A 243 14.62 19.20 -2.11
C ASN A 243 15.32 20.43 -1.65
N GLY A 244 15.53 21.36 -2.57
CA GLY A 244 16.14 22.62 -2.19
C GLY A 244 15.02 23.62 -2.02
N PRO A 245 15.30 24.80 -1.43
CA PRO A 245 14.29 25.86 -1.19
C PRO A 245 13.48 26.34 -2.39
N GLU A 246 14.05 26.29 -3.60
CA GLU A 246 13.38 26.70 -4.83
C GLU A 246 12.56 25.57 -5.46
N SER A 247 13.03 24.34 -5.32
CA SER A 247 12.29 23.19 -5.85
C SER A 247 10.98 23.13 -5.10
N ARG A 248 10.98 23.53 -3.83
CA ARG A 248 9.74 23.52 -3.05
C ARG A 248 8.69 24.49 -3.58
N LYS A 249 9.09 25.71 -3.94
CA LYS A 249 8.17 26.73 -4.48
C LYS A 249 7.66 26.22 -5.83
N LEU A 250 8.54 25.55 -6.55
CA LEU A 250 8.20 24.99 -7.86
C LEU A 250 7.19 23.84 -7.74
N PHE A 251 7.38 22.94 -6.76
CA PHE A 251 6.46 21.81 -6.51
C PHE A 251 5.15 22.37 -5.93
N ALA A 252 5.29 23.32 -5.02
CA ALA A 252 4.15 23.97 -4.37
C ALA A 252 3.21 24.64 -5.41
N ALA A 253 3.81 25.28 -6.42
CA ALA A 253 3.08 25.93 -7.51
C ALA A 253 2.30 24.91 -8.35
N THR A 254 2.97 23.80 -8.65
CA THR A 254 2.37 22.71 -9.42
C THR A 254 1.25 22.07 -8.62
N VAL A 255 1.46 21.88 -7.32
CA VAL A 255 0.46 21.29 -6.43
C VAL A 255 -0.75 22.18 -6.37
N ALA A 256 -0.50 23.49 -6.34
CA ALA A 256 -1.55 24.47 -6.25
C ALA A 256 -2.45 24.37 -7.46
N LYS A 257 -1.86 24.05 -8.61
CA LYS A 257 -2.64 23.93 -9.84
C LYS A 257 -3.53 22.73 -9.97
N ALA A 258 -3.30 21.72 -9.14
CA ALA A 258 -4.09 20.50 -9.28
C ALA A 258 -5.45 20.38 -8.62
N LYS A 259 -6.30 19.57 -9.22
CA LYS A 259 -7.62 19.30 -8.70
C LYS A 259 -7.69 17.86 -8.17
N THR A 260 -6.83 16.99 -8.70
CA THR A 260 -6.71 15.61 -8.24
C THR A 260 -5.22 15.35 -8.11
N ILE A 261 -4.77 14.83 -6.97
CA ILE A 261 -3.33 14.56 -6.73
C ILE A 261 -3.12 13.14 -6.24
N VAL A 262 -2.10 12.46 -6.76
CA VAL A 262 -1.76 11.12 -6.32
C VAL A 262 -0.29 11.21 -5.91
N TRP A 263 -0.03 11.13 -4.62
CA TRP A 263 1.35 11.23 -4.13
C TRP A 263 1.95 9.84 -3.85
N ASN A 264 3.06 9.53 -4.50
CA ASN A 264 3.69 8.22 -4.36
C ASN A 264 5.21 8.33 -4.27
N GLY A 265 5.68 8.68 -3.08
CA GLY A 265 7.11 8.81 -2.85
C GLY A 265 7.49 10.19 -2.39
N PRO A 266 8.15 10.32 -1.23
CA PRO A 266 8.57 11.64 -0.73
C PRO A 266 9.72 12.21 -1.56
N PRO A 267 9.81 13.56 -1.63
CA PRO A 267 10.83 14.30 -2.37
C PRO A 267 12.28 14.12 -1.87
N GLY A 268 12.44 13.66 -0.65
CA GLY A 268 13.77 13.45 -0.09
C GLY A 268 13.73 12.48 1.07
N VAL A 269 14.86 12.35 1.75
CA VAL A 269 14.95 11.40 2.86
C VAL A 269 14.34 11.93 4.14
N PHE A 270 13.01 11.97 4.22
CA PHE A 270 12.30 12.49 5.39
C PHE A 270 12.59 11.78 6.69
N GLU A 271 13.08 10.55 6.61
CA GLU A 271 13.43 9.75 7.79
C GLU A 271 14.56 10.43 8.55
N PHE A 272 15.37 11.20 7.82
CA PHE A 272 16.46 11.95 8.39
C PHE A 272 15.97 13.37 8.64
N GLU A 273 16.03 13.72 9.90
CA GLU A 273 15.64 15.04 10.41
C GLU A 273 16.16 16.17 9.50
N LYS A 274 17.40 16.03 9.01
CA LYS A 274 18.05 17.01 8.13
C LYS A 274 17.56 17.07 6.70
N PHE A 275 17.03 15.95 6.23
CA PHE A 275 16.58 15.82 4.87
C PHE A 275 15.08 15.63 4.79
N ALA A 276 14.38 16.12 5.81
CA ALA A 276 12.93 16.00 5.82
C ALA A 276 12.15 17.28 5.44
N ALA A 277 12.85 18.41 5.21
CA ALA A 277 12.21 19.71 4.86
C ALA A 277 11.36 19.77 3.59
N GLY A 278 11.89 19.22 2.50
CA GLY A 278 11.16 19.22 1.26
C GLY A 278 9.91 18.38 1.35
N THR A 279 9.94 17.36 2.21
CA THR A 279 8.79 16.46 2.41
C THR A 279 7.70 17.08 3.27
N LYS A 280 8.09 17.72 4.37
CA LYS A 280 7.13 18.34 5.26
C LYS A 280 6.52 19.49 4.45
N ALA A 281 7.35 20.14 3.64
CA ALA A 281 6.92 21.23 2.75
C ALA A 281 5.88 20.72 1.75
N LEU A 282 6.25 19.69 0.98
CA LEU A 282 5.35 19.10 -0.02
C LEU A 282 4.04 18.65 0.62
N LEU A 283 4.17 17.95 1.76
CA LEU A 283 3.06 17.44 2.56
C LEU A 283 2.15 18.60 3.03
N ASP A 284 2.75 19.74 3.37
CA ASP A 284 2.00 20.95 3.75
C ASP A 284 1.17 21.47 2.57
N GLU A 285 1.70 21.29 1.37
CA GLU A 285 1.05 21.75 0.16
C GLU A 285 -0.13 20.90 -0.14
N VAL A 286 0.11 19.60 -0.03
CA VAL A 286 -0.89 18.60 -0.31
C VAL A 286 -2.09 18.76 0.62
N VAL A 287 -1.86 19.14 1.88
CA VAL A 287 -2.98 19.32 2.82
C VAL A 287 -3.83 20.54 2.43
N LYS A 288 -3.16 21.66 2.15
CA LYS A 288 -3.86 22.89 1.72
C LYS A 288 -4.80 22.60 0.55
N SER A 289 -4.29 21.82 -0.40
CA SER A 289 -5.07 21.43 -1.57
C SER A 289 -6.35 20.70 -1.21
N SER A 290 -6.29 19.68 -0.34
CA SER A 290 -7.52 18.97 0.03
C SER A 290 -8.38 19.88 0.92
N ALA A 291 -7.72 20.77 1.66
CA ALA A 291 -8.40 21.73 2.53
C ALA A 291 -9.26 22.60 1.61
N ALA A 292 -8.69 23.02 0.47
CA ALA A 292 -9.40 23.82 -0.52
C ALA A 292 -10.42 22.95 -1.27
N GLY A 293 -10.60 21.71 -0.82
CA GLY A 293 -11.56 20.83 -1.44
C GLY A 293 -11.15 19.88 -2.52
N ASN A 294 -9.86 19.85 -2.86
CA ASN A 294 -9.36 18.97 -3.91
C ASN A 294 -9.15 17.53 -3.47
N THR A 295 -8.96 16.66 -4.47
CA THR A 295 -8.75 15.25 -4.22
C THR A 295 -7.30 14.88 -4.12
N VAL A 296 -6.86 14.65 -2.89
CA VAL A 296 -5.49 14.26 -2.63
C VAL A 296 -5.45 12.82 -2.08
N ILE A 297 -4.79 11.96 -2.83
CA ILE A 297 -4.65 10.56 -2.48
C ILE A 297 -3.18 10.28 -2.29
N ILE A 298 -2.84 9.78 -1.12
CA ILE A 298 -1.45 9.42 -0.81
C ILE A 298 -1.33 7.92 -0.94
N GLY A 299 -0.46 7.48 -1.83
CA GLY A 299 -0.31 6.06 -2.04
C GLY A 299 0.74 5.46 -1.13
N GLY A 300 1.39 4.42 -1.66
CA GLY A 300 2.46 3.74 -0.95
C GLY A 300 2.29 3.58 0.54
N GLY A 301 3.38 3.17 1.16
CA GLY A 301 3.39 3.00 2.59
C GLY A 301 4.34 4.07 3.07
N ASP A 302 5.26 4.43 2.18
CA ASP A 302 6.30 5.44 2.39
C ASP A 302 5.69 6.81 2.63
N THR A 303 4.90 7.24 1.66
CA THR A 303 4.23 8.51 1.72
C THR A 303 3.21 8.47 2.84
N ALA A 304 2.53 7.34 2.99
CA ALA A 304 1.54 7.20 4.04
C ALA A 304 2.19 7.35 5.41
N THR A 305 3.44 6.93 5.53
CA THR A 305 4.16 7.06 6.79
C THR A 305 4.37 8.55 7.08
N VAL A 306 4.55 9.34 6.02
CA VAL A 306 4.76 10.78 6.19
C VAL A 306 3.50 11.43 6.75
N ALA A 307 2.35 11.08 6.17
CA ALA A 307 1.08 11.64 6.62
C ALA A 307 0.84 11.34 8.09
N LYS A 308 1.09 10.08 8.50
CA LYS A 308 0.92 9.67 9.89
C LYS A 308 1.98 10.32 10.81
N LYS A 309 3.23 10.35 10.35
CA LYS A 309 4.37 10.94 11.08
C LYS A 309 4.08 12.36 11.56
N TYR A 310 3.45 13.15 10.70
CA TYR A 310 3.12 14.53 11.05
C TYR A 310 1.67 14.69 11.51
N GLY A 311 0.92 13.59 11.52
CA GLY A 311 -0.46 13.61 11.98
C GLY A 311 -1.48 14.39 11.17
N VAL A 312 -1.55 14.10 9.87
CA VAL A 312 -2.50 14.80 9.01
C VAL A 312 -3.28 13.85 8.13
N THR A 313 -3.37 12.59 8.55
CA THR A 313 -4.08 11.58 7.76
C THR A 313 -5.53 11.97 7.56
N ASP A 314 -6.11 12.59 8.58
CA ASP A 314 -7.52 13.00 8.50
C ASP A 314 -7.70 14.18 7.55
N LYS A 315 -6.58 14.80 7.18
CA LYS A 315 -6.61 15.94 6.30
C LYS A 315 -6.54 15.56 4.81
N ILE A 316 -6.19 14.30 4.55
CA ILE A 316 -6.05 13.78 3.18
C ILE A 316 -7.31 13.04 2.73
N SER A 317 -7.67 13.16 1.45
CA SER A 317 -8.86 12.51 0.90
C SER A 317 -8.79 10.99 1.05
N HIS A 318 -7.59 10.46 0.86
CA HIS A 318 -7.36 9.04 1.00
C HIS A 318 -5.90 8.66 1.06
N VAL A 319 -5.52 8.08 2.19
CA VAL A 319 -4.17 7.56 2.37
C VAL A 319 -4.37 6.06 2.20
N SER A 320 -3.63 5.48 1.27
CA SER A 320 -3.77 4.06 1.00
C SER A 320 -3.18 3.20 2.08
N THR A 321 -3.85 2.07 2.36
CA THR A 321 -3.39 1.12 3.36
C THR A 321 -2.32 0.28 2.68
N GLY A 322 -2.60 -0.06 1.42
CA GLY A 322 -1.70 -0.86 0.61
C GLY A 322 -0.20 -0.69 0.74
N GLY A 323 0.41 0.02 -0.21
CA GLY A 323 1.86 0.16 -0.22
C GLY A 323 2.28 -0.43 -1.56
N GLY A 324 2.58 -1.72 -1.61
CA GLY A 324 2.95 -2.37 -2.86
C GLY A 324 1.72 -2.60 -3.71
N ALA A 325 0.58 -2.64 -3.05
CA ALA A 325 -0.72 -2.82 -3.69
C ALA A 325 -1.11 -1.53 -4.45
N SER A 326 -0.88 -0.39 -3.80
CA SER A 326 -1.10 0.96 -4.32
C SER A 326 -0.27 1.13 -5.58
N LEU A 327 1.00 0.82 -5.42
CA LEU A 327 1.95 0.92 -6.50
C LEU A 327 1.51 0.13 -7.73
N GLU A 328 1.00 -1.08 -7.53
CA GLU A 328 0.57 -1.92 -8.66
C GLU A 328 -0.65 -1.38 -9.36
N LEU A 329 -1.50 -0.72 -8.59
CA LEU A 329 -2.71 -0.11 -9.10
C LEU A 329 -2.26 1.06 -10.03
N LEU A 330 -1.34 1.87 -9.52
CA LEU A 330 -0.83 3.01 -10.25
C LEU A 330 -0.11 2.60 -11.55
N GLU A 331 0.61 1.47 -11.51
CA GLU A 331 1.34 0.96 -12.67
C GLU A 331 0.34 0.31 -13.60
N GLY A 332 -0.88 0.17 -13.09
CA GLY A 332 -1.95 -0.44 -13.85
C GLY A 332 -1.88 -1.96 -13.91
N LYS A 333 -1.15 -2.61 -13.01
CA LYS A 333 -1.10 -4.09 -13.04
C LYS A 333 -2.36 -4.61 -12.42
N GLU A 334 -2.72 -5.84 -12.75
CA GLU A 334 -3.90 -6.43 -12.15
C GLU A 334 -3.42 -7.07 -10.86
N LEU A 335 -4.12 -6.80 -9.77
CA LEU A 335 -3.74 -7.35 -8.49
C LEU A 335 -4.21 -8.80 -8.39
N PRO A 336 -3.30 -9.73 -8.07
CA PRO A 336 -3.61 -11.16 -7.94
C PRO A 336 -4.93 -11.39 -7.21
N GLY A 337 -5.05 -10.85 -6.00
CA GLY A 337 -6.26 -10.98 -5.20
C GLY A 337 -7.45 -10.24 -5.77
N VAL A 338 -7.21 -9.22 -6.59
CA VAL A 338 -8.31 -8.45 -7.17
C VAL A 338 -8.83 -9.07 -8.48
N ALA A 339 -7.92 -9.55 -9.30
CA ALA A 339 -8.32 -10.18 -10.54
C ALA A 339 -9.02 -11.48 -10.14
N PHE A 340 -8.84 -11.87 -8.88
CA PHE A 340 -9.44 -13.07 -8.34
C PHE A 340 -10.91 -12.78 -7.99
N LEU A 341 -11.22 -11.52 -7.74
CA LEU A 341 -12.58 -11.17 -7.36
C LEU A 341 -13.63 -11.30 -8.44
N SER A 342 -14.78 -10.68 -8.19
CA SER A 342 -15.88 -10.85 -9.11
C SER A 342 -16.37 -9.77 -10.07
N GLU A 343 -16.42 -10.21 -11.32
CA GLU A 343 -16.87 -9.49 -12.50
C GLU A 343 -16.73 -7.98 -12.71
N LYS A 344 -17.06 -7.58 -13.94
CA LYS A 344 -17.00 -6.20 -14.42
C LYS A 344 -15.54 -5.69 -14.65
N LYS A 345 -14.56 -6.45 -14.14
CA LYS A 345 -13.13 -6.20 -14.33
C LYS A 345 -12.46 -4.89 -13.89
N SER A 346 -13.23 -3.85 -13.65
CA SER A 346 -12.64 -2.58 -13.26
C SER A 346 -12.35 -2.54 -11.76
N LEU A 347 -11.80 -1.43 -11.30
CA LEU A 347 -11.50 -1.23 -9.90
C LEU A 347 -12.82 -0.82 -9.29
N SER A 348 -13.37 0.26 -9.80
CA SER A 348 -14.65 0.80 -9.33
C SER A 348 -15.79 -0.22 -9.43
N SER A 349 -15.50 -1.35 -10.07
CA SER A 349 -16.49 -2.42 -10.22
C SER A 349 -16.19 -3.51 -9.20
N LYS A 350 -16.40 -4.77 -9.58
CA LYS A 350 -16.17 -5.94 -8.71
C LYS A 350 -17.33 -6.21 -7.76
N LEU A 351 -17.62 -7.50 -7.56
CA LEU A 351 -18.69 -7.88 -6.64
C LEU A 351 -18.29 -7.38 -5.26
N SER A 352 -19.27 -7.07 -4.43
CA SER A 352 -19.00 -6.56 -3.10
C SER A 352 -19.78 -7.37 -2.08
N VAL A 353 -19.36 -7.25 -0.81
CA VAL A 353 -20.00 -7.92 0.32
C VAL A 353 -21.50 -7.73 0.18
N GLN A 354 -21.88 -6.46 -0.03
CA GLN A 354 -23.26 -5.99 -0.18
C GLN A 354 -24.10 -6.69 -1.21
N ASP A 355 -23.46 -7.25 -2.24
CA ASP A 355 -24.14 -7.94 -3.34
C ASP A 355 -24.55 -9.37 -3.06
N LEU A 356 -23.92 -9.97 -2.05
CA LEU A 356 -24.19 -11.35 -1.75
C LEU A 356 -25.17 -11.61 -0.63
N ASP A 357 -25.88 -12.72 -0.71
CA ASP A 357 -26.79 -13.10 0.34
C ASP A 357 -25.93 -13.76 1.43
N LEU A 358 -25.99 -13.24 2.65
CA LEU A 358 -25.16 -13.73 3.75
C LEU A 358 -25.88 -14.38 4.94
N LYS A 359 -27.19 -14.50 4.86
CA LYS A 359 -27.93 -15.09 5.97
C LYS A 359 -27.66 -16.58 6.01
N ASP A 360 -27.41 -17.12 7.21
CA ASP A 360 -27.12 -18.53 7.37
C ASP A 360 -25.86 -18.92 6.63
N LYS A 361 -25.04 -17.96 6.26
CA LYS A 361 -23.81 -18.31 5.55
C LYS A 361 -22.61 -18.31 6.44
N ARG A 362 -21.69 -19.23 6.18
CA ARG A 362 -20.45 -19.31 6.91
C ARG A 362 -19.61 -18.28 6.15
N VAL A 363 -19.46 -17.09 6.70
CA VAL A 363 -18.72 -15.98 6.06
C VAL A 363 -17.24 -15.84 6.47
N PHE A 364 -16.35 -16.11 5.53
CA PHE A 364 -14.94 -16.01 5.77
C PHE A 364 -14.48 -14.65 5.28
N ILE A 365 -13.81 -13.91 6.15
CA ILE A 365 -13.29 -12.61 5.74
C ILE A 365 -11.79 -12.48 5.97
N ARG A 366 -11.05 -12.20 4.91
CA ARG A 366 -9.63 -11.98 5.01
C ARG A 366 -9.48 -10.49 5.34
N VAL A 367 -9.20 -10.22 6.61
CA VAL A 367 -9.04 -8.86 7.11
C VAL A 367 -7.56 -8.48 7.20
N ASP A 368 -7.31 -7.24 7.63
CA ASP A 368 -5.96 -6.75 7.86
C ASP A 368 -5.78 -6.44 9.34
N PHE A 369 -5.37 -7.44 10.12
CA PHE A 369 -5.12 -7.23 11.54
C PHE A 369 -3.62 -7.27 11.77
N ASN A 370 -2.87 -6.85 10.76
CA ASN A 370 -1.43 -6.81 10.84
C ASN A 370 -1.04 -5.51 11.51
N VAL A 371 -1.56 -5.31 12.70
CA VAL A 371 -1.29 -4.11 13.50
C VAL A 371 0.18 -4.11 13.95
N PRO A 372 0.74 -2.91 14.14
CA PRO A 372 2.13 -2.86 14.58
C PRO A 372 2.16 -3.27 16.04
N LEU A 373 3.29 -3.82 16.44
CA LEU A 373 3.46 -4.27 17.82
C LEU A 373 4.80 -3.78 18.35
N ASP A 374 4.84 -3.45 19.63
CA ASP A 374 6.06 -3.04 20.28
C ASP A 374 5.72 -3.01 21.74
N GLY A 375 5.22 -4.16 22.16
CA GLY A 375 4.81 -4.39 23.52
C GLY A 375 4.02 -5.67 23.48
N LYS A 376 4.34 -6.53 22.50
CA LYS A 376 3.64 -7.80 22.29
C LYS A 376 2.15 -7.57 22.49
N LYS A 377 1.75 -6.37 22.09
CA LYS A 377 0.40 -5.86 22.14
C LYS A 377 0.43 -4.66 21.19
N ILE A 378 -0.65 -4.56 20.42
CA ILE A 378 -0.89 -3.53 19.43
C ILE A 378 -0.44 -2.13 19.88
N THR A 379 0.16 -1.38 18.97
CA THR A 379 0.57 -0.02 19.24
C THR A 379 -0.34 0.91 18.44
N SER A 380 -1.10 0.34 17.52
CA SER A 380 -2.01 1.10 16.69
C SER A 380 -3.09 0.15 16.15
N ASN A 381 -4.25 0.16 16.80
CA ASN A 381 -5.36 -0.70 16.42
C ASN A 381 -6.14 -0.11 15.25
N GLN A 382 -5.52 0.82 14.53
CA GLN A 382 -6.16 1.46 13.38
C GLN A 382 -6.67 0.42 12.40
N ARG A 383 -5.79 -0.47 11.97
CA ARG A 383 -6.13 -1.50 11.03
C ARG A 383 -7.31 -2.33 11.50
N ILE A 384 -7.41 -2.55 12.82
CA ILE A 384 -8.53 -3.33 13.40
C ILE A 384 -9.83 -2.51 13.32
N VAL A 385 -9.74 -1.23 13.70
CA VAL A 385 -10.87 -0.31 13.67
C VAL A 385 -11.42 -0.18 12.25
N ALA A 386 -10.53 -0.03 11.28
CA ALA A 386 -10.89 0.09 9.88
C ALA A 386 -11.58 -1.14 9.31
N ALA A 387 -11.39 -2.29 9.95
CA ALA A 387 -11.97 -3.54 9.47
C ALA A 387 -13.44 -3.77 9.86
N LEU A 388 -13.87 -3.07 10.90
CA LEU A 388 -15.21 -3.18 11.45
C LEU A 388 -16.43 -3.04 10.55
N PRO A 389 -16.49 -2.01 9.67
CA PRO A 389 -17.70 -1.90 8.84
C PRO A 389 -18.14 -3.15 8.08
N THR A 390 -17.17 -3.87 7.51
CA THR A 390 -17.48 -5.09 6.78
C THR A 390 -17.94 -6.15 7.78
N ILE A 391 -17.16 -6.35 8.85
CA ILE A 391 -17.50 -7.33 9.86
C ILE A 391 -18.92 -7.06 10.34
N LYS A 392 -19.13 -5.84 10.83
CA LYS A 392 -20.44 -5.38 11.30
C LYS A 392 -21.54 -5.50 10.20
N TYR A 393 -21.24 -5.18 8.95
CA TYR A 393 -22.24 -5.34 7.89
C TYR A 393 -22.63 -6.83 7.81
N VAL A 394 -21.64 -7.72 7.76
CA VAL A 394 -21.94 -9.16 7.69
C VAL A 394 -22.70 -9.66 8.93
N LEU A 395 -22.27 -9.24 10.11
CA LEU A 395 -22.94 -9.66 11.33
C LEU A 395 -24.41 -9.24 11.29
N GLU A 396 -24.65 -7.99 10.89
CA GLU A 396 -26.01 -7.48 10.81
C GLU A 396 -26.90 -8.30 9.88
N HIS A 397 -26.29 -9.11 9.02
CA HIS A 397 -27.05 -9.93 8.08
C HIS A 397 -27.35 -11.37 8.45
N HIS A 398 -27.07 -11.73 9.70
CA HIS A 398 -27.36 -13.06 10.22
C HIS A 398 -26.63 -14.24 9.60
N PRO A 399 -25.27 -14.25 9.64
CA PRO A 399 -24.47 -15.35 9.07
C PRO A 399 -24.41 -16.56 10.05
N ARG A 400 -24.05 -17.74 9.55
CA ARG A 400 -23.93 -18.93 10.39
C ARG A 400 -22.83 -18.53 11.39
N TYR A 401 -21.91 -17.72 10.91
CA TYR A 401 -20.81 -17.22 11.70
C TYR A 401 -19.91 -16.44 10.74
N VAL A 402 -18.95 -15.74 11.33
CA VAL A 402 -17.99 -14.90 10.62
C VAL A 402 -16.57 -15.31 11.06
N VAL A 403 -15.90 -16.07 10.20
CA VAL A 403 -14.53 -16.52 10.43
C VAL A 403 -13.63 -15.42 9.89
N LEU A 404 -12.65 -15.00 10.68
CA LEU A 404 -11.74 -13.94 10.27
C LEU A 404 -10.34 -14.48 10.17
N ALA A 405 -9.64 -14.14 9.11
CA ALA A 405 -8.26 -14.59 8.94
C ALA A 405 -7.36 -13.40 8.56
N SER A 406 -6.10 -13.46 8.97
CA SER A 406 -5.14 -12.41 8.66
C SER A 406 -3.74 -12.88 9.03
N HIS A 407 -2.76 -12.06 8.69
CA HIS A 407 -1.39 -12.34 9.00
C HIS A 407 -0.92 -11.23 9.93
N LEU A 408 0.21 -11.44 10.58
CA LEU A 408 0.75 -10.46 11.48
C LEU A 408 2.25 -10.66 11.57
N GLY A 409 2.98 -9.56 11.39
CA GLY A 409 4.42 -9.60 11.45
C GLY A 409 4.96 -10.56 10.41
N ARG A 410 6.08 -11.20 10.73
CA ARG A 410 6.71 -12.16 9.84
C ARG A 410 7.10 -13.41 10.65
N PRO A 411 6.15 -14.34 10.88
CA PRO A 411 6.44 -15.56 11.64
C PRO A 411 7.42 -16.40 10.82
N ASN A 412 7.36 -16.23 9.50
CA ASN A 412 8.22 -16.93 8.55
C ASN A 412 7.83 -18.41 8.37
N GLY A 413 6.57 -18.64 7.99
CA GLY A 413 6.07 -19.99 7.75
C GLY A 413 6.33 -20.94 8.88
N GLU A 414 6.05 -20.50 10.09
CA GLU A 414 6.30 -21.29 11.28
C GLU A 414 5.76 -20.51 12.47
N ARG A 415 5.41 -21.21 13.54
CA ARG A 415 4.89 -20.53 14.71
C ARG A 415 6.02 -19.80 15.41
N ASN A 416 5.86 -18.49 15.60
CA ASN A 416 6.87 -17.70 16.28
C ASN A 416 6.24 -16.42 16.82
#